data_7O57
#
_entry.id   7O57
#
_cell.length_a   82.792
_cell.length_b   112.497
_cell.length_c   62.800
_cell.angle_alpha   90.000
_cell.angle_beta   90.000
_cell.angle_gamma   90.000
#
_symmetry.space_group_name_H-M   'C 2 2 21'
#
loop_
_entity.id
_entity.type
_entity.pdbx_description
1 polymer '14-3-3 protein sigma'
2 polymer 'Transcription factor p65'
3 non-polymer 3-morpholin-4-yl-4-nitro-benzaldehyde
4 water water
#
loop_
_entity_poly.entity_id
_entity_poly.type
_entity_poly.pdbx_seq_one_letter_code
_entity_poly.pdbx_strand_id
1 'polypeptide(L)'
;GAMGSMERASLIQKAKLAEQAERYEDMAAFMKGAVEKGEELS(CSO)EERNLLSVAYKNVVGGQRAAWRVLSSIEQKSNE
EGSEEKGPEVREYREKVETELQGVCDTVLGLLDSHLIKEAGDAESRVFYLKMKGDYYRYLAEVATGDDKKRIIDSARSAY
QEAMDISKKEMPPTNPIRLGLALNFSVFHYEIANSPEEAISLAKTTFDEAMADLHTLSEDSYKDSTLIMQLLRDNLTLWT
;
A
2 'polypeptide(L)' EGRSAG(SEP)IPGRRS P
#
# COMPACT_ATOMS: atom_id res chain seq x y z
N MET A 3 -13.41 -10.34 17.21
CA MET A 3 -12.25 -10.89 17.88
C MET A 3 -12.09 -10.35 19.29
N GLY A 4 -13.15 -9.71 19.80
CA GLY A 4 -13.08 -9.03 21.09
C GLY A 4 -12.77 -9.92 22.27
N SER A 5 -13.09 -11.22 22.19
CA SER A 5 -12.81 -12.11 23.30
C SER A 5 -11.42 -12.75 23.25
N MET A 6 -10.66 -12.56 22.18
CA MET A 6 -9.32 -13.13 22.10
C MET A 6 -8.26 -12.16 22.56
N GLU A 7 -7.28 -12.68 23.31
CA GLU A 7 -6.16 -11.86 23.79
C GLU A 7 -5.40 -11.24 22.62
N ARG A 8 -4.91 -10.02 22.82
CA ARG A 8 -4.09 -9.37 21.80
C ARG A 8 -2.92 -10.26 21.37
N ALA A 9 -2.20 -10.84 22.33
CA ALA A 9 -1.02 -11.61 21.95
C ALA A 9 -1.40 -12.85 21.15
N SER A 10 -2.55 -13.45 21.46
CA SER A 10 -3.04 -14.61 20.71
C SER A 10 -3.45 -14.23 19.28
N LEU A 11 -4.06 -13.06 19.10
CA LEU A 11 -4.37 -12.58 17.75
C LEU A 11 -3.10 -12.39 16.93
N ILE A 12 -2.05 -11.82 17.53
CA ILE A 12 -0.79 -11.63 16.80
C ILE A 12 -0.17 -12.98 16.47
N GLN A 13 -0.16 -13.91 17.42
CA GLN A 13 0.38 -15.24 17.15
C GLN A 13 -0.38 -15.93 16.02
N LYS A 14 -1.72 -15.85 16.04
CA LYS A 14 -2.53 -16.48 14.99
C LYS A 14 -2.35 -15.78 13.65
N ALA A 15 -2.13 -14.46 13.63
CA ALA A 15 -1.83 -13.79 12.36
C ALA A 15 -0.56 -14.35 11.75
N LYS A 16 0.46 -14.61 12.57
CA LYS A 16 1.70 -15.18 12.04
C LYS A 16 1.48 -16.59 11.52
N LEU A 17 0.69 -17.39 12.23
CA LEU A 17 0.35 -18.73 11.73
C LEU A 17 -0.43 -18.65 10.42
N ALA A 18 -1.40 -17.73 10.35
CA ALA A 18 -2.19 -17.60 9.15
C ALA A 18 -1.31 -17.21 7.96
N GLU A 19 -0.31 -16.34 8.17
CA GLU A 19 0.62 -16.03 7.09
C GLU A 19 1.33 -17.30 6.59
N GLN A 20 1.83 -18.12 7.52
CA GLN A 20 2.54 -19.35 7.13
C GLN A 20 1.61 -20.28 6.38
N ALA A 21 0.33 -20.29 6.72
CA ALA A 21 -0.65 -21.18 6.08
C ALA A 21 -1.26 -20.56 4.84
N GLU A 22 -0.83 -19.34 4.49
CA GLU A 22 -1.37 -18.59 3.33
C GLU A 22 -2.87 -18.38 3.44
N ARG A 23 -3.34 -18.11 4.65
CA ARG A 23 -4.73 -17.84 4.95
C ARG A 23 -4.85 -16.34 5.23
N TYR A 24 -4.85 -15.56 4.15
CA TYR A 24 -4.71 -14.11 4.32
C TYR A 24 -5.98 -13.43 4.79
N GLU A 25 -7.15 -13.95 4.44
N GLU A 25 -7.16 -13.94 4.43
CA GLU A 25 -8.38 -13.40 4.99
CA GLU A 25 -8.38 -13.40 5.00
C GLU A 25 -8.40 -13.58 6.51
C GLU A 25 -8.40 -13.57 6.51
N ASP A 26 -8.02 -14.77 6.99
CA ASP A 26 -7.91 -14.97 8.43
C ASP A 26 -6.88 -14.03 9.02
N MET A 27 -5.73 -13.90 8.36
CA MET A 27 -4.66 -13.06 8.88
C MET A 27 -5.19 -11.63 9.06
N ALA A 28 -5.92 -11.11 8.07
CA ALA A 28 -6.44 -9.75 8.15
C ALA A 28 -7.47 -9.61 9.27
N ALA A 29 -8.32 -10.62 9.47
CA ALA A 29 -9.28 -10.55 10.56
C ALA A 29 -8.58 -10.56 11.93
N PHE A 30 -7.52 -11.36 12.08
CA PHE A 30 -6.76 -11.37 13.33
C PHE A 30 -6.11 -10.01 13.56
N MET A 31 -5.52 -9.41 12.51
CA MET A 31 -4.84 -8.12 12.69
C MET A 31 -5.83 -7.00 12.93
N LYS A 32 -7.00 -7.02 12.28
CA LYS A 32 -8.07 -6.08 12.63
C LYS A 32 -8.45 -6.18 14.10
N GLY A 33 -8.64 -7.41 14.59
CA GLY A 33 -8.89 -7.59 16.01
C GLY A 33 -7.79 -7.02 16.88
N ALA A 34 -6.52 -7.22 16.49
CA ALA A 34 -5.42 -6.67 17.27
C ALA A 34 -5.44 -5.15 17.28
N VAL A 35 -5.67 -4.52 16.12
CA VAL A 35 -5.76 -3.06 16.10
C VAL A 35 -6.88 -2.58 17.01
N GLU A 36 -8.02 -3.26 16.99
CA GLU A 36 -9.17 -2.83 17.77
C GLU A 36 -8.99 -3.00 19.27
N LYS A 37 -7.91 -3.63 19.73
CA LYS A 37 -7.60 -3.60 21.15
C LYS A 37 -7.23 -2.20 21.62
N GLY A 38 -6.86 -1.30 20.71
CA GLY A 38 -6.65 0.09 21.04
C GLY A 38 -5.22 0.49 21.32
N GLU A 39 -4.29 -0.46 21.44
CA GLU A 39 -2.89 -0.14 21.65
C GLU A 39 -2.19 0.14 20.33
N GLU A 40 -1.13 0.94 20.38
CA GLU A 40 -0.28 1.15 19.21
C GLU A 40 0.34 -0.19 18.76
N LEU A 41 0.77 -0.24 17.50
CA LEU A 41 1.38 -1.43 16.90
C LEU A 41 2.89 -1.25 16.83
N SER A 42 3.62 -2.30 17.12
CA SER A 42 5.05 -2.32 16.92
C SER A 42 5.41 -2.39 15.43
N GLU A 44 6.95 -4.75 13.74
CA GLU A 44 6.58 -6.06 13.22
C GLU A 44 5.06 -6.22 13.06
N GLU A 45 4.30 -5.71 14.04
CA GLU A 45 2.85 -5.78 13.96
C GLU A 45 2.30 -4.94 12.80
N ARG A 46 2.89 -3.77 12.55
CA ARG A 46 2.49 -2.97 11.39
C ARG A 46 2.71 -3.75 10.11
N ASN A 47 3.84 -4.45 10.00
CA ASN A 47 4.10 -5.25 8.81
C ASN A 47 3.07 -6.35 8.67
N LEU A 48 2.68 -7.02 9.76
CA LEU A 48 1.65 -8.05 9.66
C LEU A 48 0.32 -7.48 9.16
N LEU A 49 -0.08 -6.34 9.68
CA LEU A 49 -1.31 -5.69 9.21
C LEU A 49 -1.24 -5.41 7.72
N SER A 50 -0.11 -4.85 7.25
CA SER A 50 0.00 -4.49 5.85
C SER A 50 0.03 -5.73 4.96
N VAL A 51 0.78 -6.75 5.34
CA VAL A 51 0.85 -7.96 4.51
C VAL A 51 -0.53 -8.60 4.37
N ALA A 52 -1.28 -8.67 5.47
CA ALA A 52 -2.56 -9.34 5.45
C ALA A 52 -3.51 -8.67 4.46
N TYR A 53 -3.69 -7.35 4.60
CA TYR A 53 -4.63 -6.65 3.74
C TYR A 53 -4.10 -6.52 2.31
N LYS A 54 -2.78 -6.45 2.12
CA LYS A 54 -2.26 -6.36 0.76
C LYS A 54 -2.58 -7.60 -0.03
N ASN A 55 -2.48 -8.76 0.61
CA ASN A 55 -2.84 -10.02 -0.05
C ASN A 55 -4.32 -10.11 -0.31
N VAL A 56 -5.16 -9.70 0.65
CA VAL A 56 -6.60 -9.76 0.41
C VAL A 56 -6.99 -8.85 -0.75
N VAL A 57 -6.61 -7.58 -0.68
CA VAL A 57 -7.00 -6.66 -1.73
C VAL A 57 -6.30 -7.01 -3.03
N GLY A 58 -5.12 -7.64 -2.98
CA GLY A 58 -4.44 -8.00 -4.21
C GLY A 58 -5.20 -9.05 -5.00
N GLY A 59 -5.78 -10.02 -4.31
CA GLY A 59 -6.61 -11.00 -5.01
C GLY A 59 -7.85 -10.35 -5.59
N GLN A 60 -8.46 -9.42 -4.86
CA GLN A 60 -9.63 -8.73 -5.36
C GLN A 60 -9.31 -7.89 -6.59
N ARG A 61 -8.20 -7.15 -6.55
CA ARG A 61 -7.82 -6.32 -7.69
C ARG A 61 -7.55 -7.18 -8.93
N ALA A 62 -6.86 -8.30 -8.76
CA ALA A 62 -6.60 -9.18 -9.89
C ALA A 62 -7.89 -9.70 -10.48
N ALA A 63 -8.86 -10.09 -9.64
CA ALA A 63 -10.14 -10.57 -10.13
C ALA A 63 -10.91 -9.46 -10.83
N TRP A 64 -10.91 -8.24 -10.26
CA TRP A 64 -11.60 -7.12 -10.86
C TRP A 64 -11.03 -6.82 -12.25
N ARG A 65 -9.70 -6.91 -12.40
CA ARG A 65 -9.10 -6.64 -13.71
C ARG A 65 -9.50 -7.68 -14.73
N VAL A 66 -9.57 -8.96 -14.33
CA VAL A 66 -10.02 -10.00 -15.26
C VAL A 66 -11.44 -9.72 -15.71
N LEU A 67 -12.32 -9.43 -14.77
CA LEU A 67 -13.73 -9.21 -15.09
C LEU A 67 -13.93 -7.93 -15.87
N SER A 68 -13.21 -6.86 -15.52
CA SER A 68 -13.32 -5.60 -16.26
C SER A 68 -12.90 -5.80 -17.71
N SER A 69 -11.87 -6.61 -17.96
CA SER A 69 -11.42 -6.86 -19.32
C SER A 69 -12.49 -7.62 -20.10
N ILE A 70 -13.10 -8.63 -19.50
CA ILE A 70 -14.17 -9.37 -20.17
C ILE A 70 -15.35 -8.47 -20.46
N GLU A 71 -15.71 -7.61 -19.51
CA GLU A 71 -16.83 -6.69 -19.69
C GLU A 71 -16.56 -5.71 -20.82
N GLN A 72 -15.34 -5.19 -20.90
CA GLN A 72 -15.01 -4.26 -21.98
C GLN A 72 -15.06 -4.94 -23.34
N LYS A 73 -14.62 -6.20 -23.41
CA LYS A 73 -14.74 -6.95 -24.67
C LYS A 73 -16.19 -7.14 -25.08
N SER A 74 -17.07 -7.42 -24.11
CA SER A 74 -18.47 -7.64 -24.43
C SER A 74 -19.15 -6.39 -24.95
N ASN A 75 -18.67 -5.21 -24.55
CA ASN A 75 -19.25 -3.95 -24.99
C ASN A 75 -18.44 -3.34 -26.13
N GLY A 83 -25.93 -10.68 -21.74
CA GLY A 83 -26.73 -10.46 -20.56
C GLY A 83 -26.03 -9.60 -19.51
N PRO A 84 -26.72 -9.36 -18.39
CA PRO A 84 -26.13 -8.52 -17.33
C PRO A 84 -25.08 -9.19 -16.46
N GLU A 85 -24.75 -10.46 -16.69
CA GLU A 85 -24.02 -11.25 -15.70
C GLU A 85 -22.58 -10.76 -15.50
N VAL A 86 -21.86 -10.41 -16.57
CA VAL A 86 -20.48 -9.98 -16.40
C VAL A 86 -20.43 -8.69 -15.60
N ARG A 87 -21.26 -7.71 -15.97
CA ARG A 87 -21.34 -6.48 -15.21
C ARG A 87 -21.76 -6.72 -13.77
N GLU A 88 -22.77 -7.57 -13.55
CA GLU A 88 -23.21 -7.83 -12.18
C GLU A 88 -22.09 -8.42 -11.34
N TYR A 89 -21.35 -9.36 -11.90
CA TYR A 89 -20.30 -10.02 -11.12
C TYR A 89 -19.09 -9.09 -10.91
N ARG A 90 -18.72 -8.31 -11.95
CA ARG A 90 -17.69 -7.29 -11.75
C ARG A 90 -18.11 -6.32 -10.64
N GLU A 91 -19.38 -5.92 -10.61
CA GLU A 91 -19.86 -5.02 -9.57
C GLU A 91 -19.78 -5.68 -8.19
N LYS A 92 -20.08 -6.98 -8.10
CA LYS A 92 -20.00 -7.66 -6.82
C LYS A 92 -18.57 -7.65 -6.30
N VAL A 93 -17.61 -8.00 -7.16
CA VAL A 93 -16.21 -8.00 -6.75
C VAL A 93 -15.78 -6.59 -6.39
N GLU A 94 -16.22 -5.60 -7.15
CA GLU A 94 -15.85 -4.22 -6.90
C GLU A 94 -16.36 -3.75 -5.54
N THR A 95 -17.59 -4.12 -5.19
CA THR A 95 -18.14 -3.70 -3.91
C THR A 95 -17.37 -4.35 -2.76
N GLU A 96 -16.98 -5.62 -2.92
N GLU A 96 -16.99 -5.62 -2.92
CA GLU A 96 -16.22 -6.29 -1.87
CA GLU A 96 -16.21 -6.30 -1.90
C GLU A 96 -14.83 -5.66 -1.71
C GLU A 96 -14.86 -5.62 -1.72
N LEU A 97 -14.20 -5.32 -2.84
CA LEU A 97 -12.91 -4.61 -2.79
C LEU A 97 -13.04 -3.27 -2.08
N GLN A 98 -14.07 -2.49 -2.43
CA GLN A 98 -14.29 -1.22 -1.78
C GLN A 98 -14.52 -1.40 -0.29
N GLY A 99 -15.20 -2.48 0.10
CA GLY A 99 -15.43 -2.72 1.52
C GLY A 99 -14.14 -2.99 2.29
N VAL A 100 -13.23 -3.75 1.68
CA VAL A 100 -11.93 -4.00 2.32
C VAL A 100 -11.14 -2.70 2.43
N CYS A 101 -11.11 -1.90 1.36
CA CYS A 101 -10.41 -0.62 1.43
C CYS A 101 -10.98 0.27 2.51
N ASP A 102 -12.32 0.35 2.59
CA ASP A 102 -12.95 1.17 3.63
C ASP A 102 -12.62 0.65 5.03
N THR A 103 -12.51 -0.68 5.18
CA THR A 103 -12.14 -1.24 6.48
C THR A 103 -10.73 -0.80 6.89
N VAL A 104 -9.78 -0.92 5.97
CA VAL A 104 -8.40 -0.51 6.26
C VAL A 104 -8.34 0.97 6.57
N LEU A 105 -8.98 1.79 5.73
CA LEU A 105 -9.00 3.23 5.97
C LEU A 105 -9.63 3.56 7.31
N GLY A 106 -10.64 2.79 7.70
CA GLY A 106 -11.28 3.04 8.99
C GLY A 106 -10.36 2.72 10.16
N LEU A 107 -9.57 1.65 10.04
CA LEU A 107 -8.60 1.37 11.09
C LEU A 107 -7.56 2.47 11.19
N LEU A 108 -7.10 2.97 10.04
CA LEU A 108 -6.12 4.06 10.06
C LEU A 108 -6.70 5.31 10.70
N ASP A 109 -7.98 5.59 10.45
CA ASP A 109 -8.63 6.78 10.99
C ASP A 109 -9.10 6.59 12.42
N SER A 110 -9.24 5.35 12.90
CA SER A 110 -9.77 5.08 14.25
C SER A 110 -8.98 3.92 14.88
N HIS A 111 -7.79 4.20 15.42
CA HIS A 111 -7.19 5.54 15.59
C HIS A 111 -5.69 5.49 15.35
N LEU A 112 -5.25 4.69 14.37
CA LEU A 112 -3.81 4.43 14.22
C LEU A 112 -3.02 5.69 13.89
N ILE A 113 -3.49 6.49 12.91
CA ILE A 113 -2.70 7.65 12.49
C ILE A 113 -2.60 8.68 13.60
N LYS A 114 -3.72 8.97 14.27
CA LYS A 114 -3.69 10.06 15.26
C LYS A 114 -2.77 9.72 16.43
N GLU A 115 -2.56 8.44 16.74
CA GLU A 115 -1.67 8.08 17.84
C GLU A 115 -0.22 7.87 17.41
N ALA A 116 0.07 7.93 16.10
CA ALA A 116 1.40 7.64 15.56
C ALA A 116 2.22 8.92 15.58
N GLY A 117 3.20 8.99 16.48
CA GLY A 117 4.05 10.15 16.63
C GLY A 117 5.45 9.99 16.06
N ASP A 118 5.98 8.78 16.08
CA ASP A 118 7.31 8.59 15.53
C ASP A 118 7.22 8.58 14.01
N ALA A 119 8.29 9.04 13.36
CA ALA A 119 8.27 9.11 11.90
C ALA A 119 8.04 7.75 11.27
N GLU A 120 8.63 6.69 11.81
CA GLU A 120 8.50 5.38 11.18
C GLU A 120 7.05 4.92 11.19
N SER A 121 6.33 5.14 12.29
CA SER A 121 4.95 4.68 12.30
C SER A 121 4.06 5.60 11.48
N ARG A 122 4.23 6.91 11.62
CA ARG A 122 3.35 7.85 10.94
C ARG A 122 3.49 7.76 9.42
N VAL A 123 4.73 7.70 8.92
CA VAL A 123 4.96 7.53 7.49
C VAL A 123 4.35 6.21 7.01
N PHE A 124 4.55 5.12 7.77
CA PHE A 124 4.00 3.82 7.36
C PHE A 124 2.49 3.90 7.18
N TYR A 125 1.79 4.49 8.15
CA TYR A 125 0.34 4.54 8.08
C TYR A 125 -0.16 5.48 7.00
N LEU A 126 0.52 6.61 6.79
CA LEU A 126 0.09 7.53 5.75
C LEU A 126 0.34 6.93 4.36
N LYS A 127 1.42 6.19 4.19
CA LYS A 127 1.63 5.46 2.94
C LYS A 127 0.50 4.45 2.72
N MET A 128 0.10 3.73 3.77
CA MET A 128 -1.03 2.80 3.63
C MET A 128 -2.29 3.55 3.24
N LYS A 129 -2.54 4.71 3.86
CA LYS A 129 -3.71 5.51 3.51
C LYS A 129 -3.69 5.89 2.03
N GLY A 130 -2.53 6.34 1.52
CA GLY A 130 -2.42 6.62 0.10
C GLY A 130 -2.67 5.41 -0.76
N ASP A 131 -2.13 4.26 -0.38
CA ASP A 131 -2.29 3.04 -1.15
C ASP A 131 -3.76 2.63 -1.25
N TYR A 132 -4.49 2.67 -0.12
CA TYR A 132 -5.87 2.17 -0.16
C TYR A 132 -6.80 3.16 -0.85
N TYR A 133 -6.54 4.47 -0.76
CA TYR A 133 -7.26 5.39 -1.63
C TYR A 133 -6.90 5.16 -3.11
N ARG A 134 -5.64 4.81 -3.39
CA ARG A 134 -5.26 4.50 -4.75
C ARG A 134 -6.04 3.29 -5.28
N TYR A 135 -6.19 2.23 -4.47
CA TYR A 135 -6.98 1.09 -4.92
C TYR A 135 -8.44 1.46 -5.14
N LEU A 136 -9.01 2.32 -4.28
CA LEU A 136 -10.35 2.86 -4.56
C LEU A 136 -10.37 3.62 -5.89
N ALA A 137 -9.32 4.41 -6.18
CA ALA A 137 -9.29 5.21 -7.41
C ALA A 137 -9.26 4.32 -8.64
N GLU A 138 -8.62 3.15 -8.56
CA GLU A 138 -8.51 2.26 -9.70
C GLU A 138 -9.87 1.82 -10.22
N VAL A 139 -10.89 1.76 -9.35
CA VAL A 139 -12.23 1.30 -9.73
C VAL A 139 -13.25 2.42 -9.77
N ALA A 140 -12.85 3.65 -9.47
CA ALA A 140 -13.78 4.76 -9.39
C ALA A 140 -14.04 5.35 -10.77
N THR A 141 -15.25 5.87 -10.95
CA THR A 141 -15.67 6.46 -12.23
C THR A 141 -16.33 7.81 -11.98
N GLY A 142 -15.73 8.87 -12.54
CA GLY A 142 -16.38 10.17 -12.60
C GLY A 142 -15.85 11.22 -11.65
N ASP A 143 -16.77 12.00 -11.06
CA ASP A 143 -16.36 13.02 -10.10
C ASP A 143 -15.96 12.41 -8.75
N ASP A 144 -16.60 11.30 -8.37
CA ASP A 144 -16.12 10.55 -7.21
C ASP A 144 -14.64 10.23 -7.37
N LYS A 145 -14.22 9.90 -8.58
CA LYS A 145 -12.81 9.63 -8.82
C LYS A 145 -11.94 10.81 -8.39
N LYS A 146 -12.38 12.04 -8.67
CA LYS A 146 -11.52 13.20 -8.39
C LYS A 146 -11.24 13.35 -6.91
N ARG A 147 -12.27 13.22 -6.06
CA ARG A 147 -12.03 13.41 -4.63
C ARG A 147 -11.22 12.24 -4.07
N ILE A 148 -11.46 11.03 -4.56
CA ILE A 148 -10.69 9.88 -4.11
C ILE A 148 -9.22 10.05 -4.49
N ILE A 149 -8.95 10.50 -5.71
CA ILE A 149 -7.59 10.75 -6.17
C ILE A 149 -6.92 11.80 -5.29
N ASP A 150 -7.64 12.87 -4.97
CA ASP A 150 -7.04 13.88 -4.10
C ASP A 150 -6.75 13.36 -2.69
N SER A 151 -7.60 12.47 -2.18
CA SER A 151 -7.32 11.89 -0.88
C SER A 151 -6.06 11.05 -0.90
N ALA A 152 -5.86 10.26 -1.97
CA ALA A 152 -4.61 9.50 -2.09
C ALA A 152 -3.42 10.45 -2.14
N ARG A 153 -3.50 11.47 -3.00
N ARG A 153 -3.50 11.46 -3.01
CA ARG A 153 -2.39 12.40 -3.17
CA ARG A 153 -2.40 12.41 -3.17
C ARG A 153 -2.04 13.08 -1.86
C ARG A 153 -2.05 13.07 -1.85
N SER A 154 -3.05 13.51 -1.10
CA SER A 154 -2.81 14.23 0.14
C SER A 154 -2.12 13.34 1.17
N ALA A 155 -2.55 12.08 1.29
CA ALA A 155 -1.90 11.17 2.23
C ALA A 155 -0.45 10.91 1.83
N TYR A 156 -0.21 10.59 0.55
CA TYR A 156 1.16 10.37 0.09
C TYR A 156 2.03 11.61 0.31
N GLN A 157 1.47 12.80 0.06
CA GLN A 157 2.27 14.02 0.19
C GLN A 157 2.66 14.27 1.63
N GLU A 158 1.74 14.08 2.57
CA GLU A 158 2.13 14.25 3.97
C GLU A 158 3.20 13.25 4.37
N ALA A 159 3.07 11.99 3.94
CA ALA A 159 4.10 10.99 4.22
C ALA A 159 5.44 11.38 3.63
N MET A 160 5.43 11.92 2.39
CA MET A 160 6.68 12.33 1.75
C MET A 160 7.33 13.46 2.53
N ASP A 161 6.52 14.44 2.94
CA ASP A 161 7.09 15.58 3.68
C ASP A 161 7.76 15.11 4.97
N ILE A 162 7.11 14.22 5.72
CA ILE A 162 7.73 13.69 6.95
C ILE A 162 8.98 12.89 6.61
N SER A 163 8.90 12.02 5.60
CA SER A 163 10.01 11.12 5.32
C SER A 163 11.27 11.89 4.92
N LYS A 164 11.09 13.00 4.18
CA LYS A 164 12.26 13.75 3.74
C LYS A 164 12.90 14.51 4.90
N LYS A 165 12.11 14.89 5.90
CA LYS A 165 12.65 15.58 7.06
C LYS A 165 13.27 14.62 8.08
N GLU A 166 12.71 13.41 8.24
CA GLU A 166 13.02 12.56 9.39
C GLU A 166 13.73 11.25 9.08
N MET A 167 13.85 10.86 7.81
CA MET A 167 14.46 9.58 7.48
C MET A 167 15.58 9.76 6.47
N PRO A 168 16.60 8.89 6.51
CA PRO A 168 17.65 8.94 5.47
C PRO A 168 17.09 8.49 4.14
N PRO A 169 17.73 8.88 3.04
CA PRO A 169 17.19 8.53 1.71
C PRO A 169 17.21 7.07 1.41
N THR A 170 17.92 6.24 2.18
CA THR A 170 17.91 4.79 1.97
C THR A 170 16.89 4.06 2.83
N ASN A 171 16.17 4.75 3.70
CA ASN A 171 15.25 4.03 4.59
C ASN A 171 14.23 3.26 3.75
N PRO A 172 14.02 1.96 4.00
CA PRO A 172 13.13 1.19 3.12
C PRO A 172 11.71 1.70 3.07
N ILE A 173 11.18 2.25 4.17
CA ILE A 173 9.82 2.79 4.14
C ILE A 173 9.77 4.03 3.27
N ARG A 174 10.78 4.91 3.42
CA ARG A 174 10.86 6.09 2.56
C ARG A 174 10.96 5.69 1.09
N LEU A 175 11.76 4.67 0.78
CA LEU A 175 11.91 4.21 -0.60
C LEU A 175 10.61 3.64 -1.14
N GLY A 176 9.93 2.81 -0.34
CA GLY A 176 8.69 2.21 -0.81
C GLY A 176 7.58 3.22 -0.98
N LEU A 177 7.54 4.22 -0.08
CA LEU A 177 6.60 5.33 -0.24
C LEU A 177 6.82 6.04 -1.56
N ALA A 178 8.08 6.36 -1.87
CA ALA A 178 8.37 7.05 -3.12
C ALA A 178 8.02 6.18 -4.32
N LEU A 179 8.33 4.88 -4.25
CA LEU A 179 7.95 3.97 -5.32
C LEU A 179 6.45 4.01 -5.57
N ASN A 180 5.66 3.87 -4.50
CA ASN A 180 4.22 3.79 -4.67
C ASN A 180 3.61 5.13 -5.09
N PHE A 181 4.15 6.25 -4.58
CA PHE A 181 3.69 7.57 -5.03
C PHE A 181 4.00 7.78 -6.50
N SER A 182 5.15 7.28 -6.95
N SER A 182 5.17 7.28 -6.97
CA SER A 182 5.49 7.36 -8.36
CA SER A 182 5.46 7.39 -8.40
C SER A 182 4.52 6.56 -9.22
C SER A 182 4.47 6.58 -9.22
N VAL A 183 4.10 5.39 -8.74
CA VAL A 183 3.07 4.60 -9.44
C VAL A 183 1.74 5.34 -9.46
N PHE A 184 1.35 5.94 -8.33
CA PHE A 184 0.18 6.81 -8.31
C PHE A 184 0.26 7.86 -9.42
N HIS A 185 1.42 8.57 -9.54
CA HIS A 185 1.51 9.61 -10.55
C HIS A 185 1.33 9.03 -11.94
N TYR A 186 1.96 7.88 -12.21
CA TYR A 186 1.96 7.30 -13.55
C TYR A 186 0.59 6.73 -13.91
N GLU A 187 0.00 5.96 -12.98
CA GLU A 187 -1.16 5.15 -13.30
C GLU A 187 -2.48 5.81 -12.97
N ILE A 188 -2.53 6.71 -12.00
CA ILE A 188 -3.76 7.27 -11.50
C ILE A 188 -3.92 8.73 -11.91
N ALA A 189 -2.86 9.53 -11.69
CA ALA A 189 -2.93 10.98 -11.86
C ALA A 189 -2.56 11.45 -13.25
N ASN A 190 -2.28 10.54 -14.18
CA ASN A 190 -1.93 10.93 -15.56
C ASN A 190 -0.75 11.91 -15.58
N SER A 191 0.24 11.65 -14.73
CA SER A 191 1.43 12.50 -14.60
C SER A 191 2.68 11.65 -14.77
N PRO A 192 2.91 11.07 -15.96
CA PRO A 192 4.09 10.21 -16.14
C PRO A 192 5.41 10.95 -15.94
N GLU A 193 5.51 12.22 -16.31
CA GLU A 193 6.76 12.94 -16.08
C GLU A 193 7.06 13.11 -14.59
N GLU A 194 6.03 13.38 -13.77
CA GLU A 194 6.23 13.48 -12.33
C GLU A 194 6.65 12.12 -11.76
N ALA A 195 6.07 11.03 -12.28
CA ALA A 195 6.44 9.69 -11.84
C ALA A 195 7.90 9.39 -12.11
N ILE A 196 8.36 9.70 -13.34
CA ILE A 196 9.73 9.45 -13.73
C ILE A 196 10.69 10.31 -12.92
N SER A 197 10.36 11.60 -12.74
N SER A 197 10.37 11.59 -12.74
CA SER A 197 11.23 12.48 -11.96
CA SER A 197 11.23 12.48 -11.98
C SER A 197 11.36 11.99 -10.53
C SER A 197 11.36 12.01 -10.53
N LEU A 198 10.25 11.62 -9.91
CA LEU A 198 10.31 11.15 -8.53
C LEU A 198 11.12 9.87 -8.42
N ALA A 199 10.90 8.92 -9.32
CA ALA A 199 11.66 7.67 -9.25
C ALA A 199 13.15 7.92 -9.43
N LYS A 200 13.54 8.78 -10.38
CA LYS A 200 14.95 9.06 -10.64
C LYS A 200 15.61 9.74 -9.45
N THR A 201 14.99 10.80 -8.94
CA THR A 201 15.57 11.50 -7.81
C THR A 201 15.67 10.60 -6.58
N THR A 202 14.65 9.79 -6.33
CA THR A 202 14.70 8.86 -5.20
C THR A 202 15.85 7.87 -5.36
N PHE A 203 16.00 7.31 -6.55
CA PHE A 203 17.06 6.33 -6.78
C PHE A 203 18.43 6.98 -6.58
N ASP A 204 18.62 8.18 -7.13
CA ASP A 204 19.95 8.80 -7.11
C ASP A 204 20.33 9.22 -5.70
N GLU A 205 19.37 9.72 -4.92
CA GLU A 205 19.69 10.13 -3.57
C GLU A 205 19.94 8.92 -2.66
N ALA A 206 19.27 7.80 -2.93
CA ALA A 206 19.58 6.57 -2.19
C ALA A 206 20.96 6.03 -2.54
N MET A 207 21.30 5.99 -3.84
CA MET A 207 22.64 5.58 -4.25
C MET A 207 23.72 6.28 -3.47
N ALA A 208 23.60 7.58 -3.34
CA ALA A 208 24.62 8.39 -2.70
C ALA A 208 24.70 8.18 -1.19
N ASP A 209 23.73 7.50 -0.58
CA ASP A 209 23.70 7.26 0.85
C ASP A 209 24.03 5.79 1.19
N LEU A 210 24.19 4.92 0.19
CA LEU A 210 24.47 3.51 0.45
C LEU A 210 25.75 3.29 1.25
N HIS A 211 26.73 4.18 1.10
CA HIS A 211 28.02 4.00 1.76
C HIS A 211 27.90 3.98 3.29
N THR A 212 26.80 4.50 3.83
CA THR A 212 26.62 4.59 5.27
C THR A 212 26.07 3.32 5.89
N LEU A 213 25.69 2.33 5.10
CA LEU A 213 24.89 1.20 5.55
C LEU A 213 25.74 -0.04 5.81
N SER A 214 25.26 -0.86 6.74
CA SER A 214 25.75 -2.22 6.92
C SER A 214 25.38 -3.10 5.73
N GLU A 215 25.98 -4.29 5.70
CA GLU A 215 25.68 -5.25 4.64
C GLU A 215 24.18 -5.58 4.58
N ASP A 216 23.56 -5.79 5.75
CA ASP A 216 22.15 -6.17 5.76
C ASP A 216 21.25 -5.01 5.34
N SER A 217 21.53 -3.80 5.82
CA SER A 217 20.74 -2.65 5.40
C SER A 217 20.95 -2.35 3.91
N TYR A 218 22.18 -2.51 3.41
CA TYR A 218 22.46 -2.36 1.99
C TYR A 218 21.59 -3.27 1.16
N LYS A 219 21.44 -4.52 1.59
CA LYS A 219 20.60 -5.46 0.86
C LYS A 219 19.14 -5.00 0.86
N ASP A 220 18.63 -4.56 2.01
CA ASP A 220 17.23 -4.11 2.07
C ASP A 220 17.00 -2.92 1.15
N SER A 221 17.89 -1.93 1.20
CA SER A 221 17.70 -0.73 0.40
C SER A 221 17.86 -0.99 -1.09
N THR A 222 18.89 -1.75 -1.48
CA THR A 222 19.11 -1.97 -2.91
C THR A 222 17.99 -2.79 -3.52
N LEU A 223 17.32 -3.65 -2.74
CA LEU A 223 16.19 -4.39 -3.29
C LEU A 223 15.08 -3.45 -3.76
N ILE A 224 14.75 -2.43 -2.96
N ILE A 224 14.75 -2.44 -2.94
CA ILE A 224 13.70 -1.51 -3.37
CA ILE A 224 13.71 -1.48 -3.33
C ILE A 224 14.20 -0.57 -4.47
C ILE A 224 14.20 -0.59 -4.46
N MET A 225 15.49 -0.22 -4.44
CA MET A 225 16.02 0.60 -5.52
C MET A 225 15.87 -0.10 -6.86
N GLN A 226 16.01 -1.44 -6.87
CA GLN A 226 15.87 -2.16 -8.12
C GLN A 226 14.44 -2.05 -8.65
N LEU A 227 13.44 -2.02 -7.76
CA LEU A 227 12.06 -1.80 -8.19
C LEU A 227 11.89 -0.42 -8.82
N LEU A 228 12.50 0.61 -8.24
CA LEU A 228 12.46 1.93 -8.88
C LEU A 228 13.08 1.85 -10.27
N ARG A 229 14.23 1.19 -10.38
N ARG A 229 14.23 1.19 -10.38
CA ARG A 229 14.88 1.07 -11.69
CA ARG A 229 14.89 1.06 -11.68
C ARG A 229 14.02 0.28 -12.67
C ARG A 229 14.03 0.27 -12.66
N ASP A 230 13.35 -0.78 -12.19
CA ASP A 230 12.50 -1.57 -13.07
C ASP A 230 11.38 -0.71 -13.66
N ASN A 231 10.78 0.14 -12.83
CA ASN A 231 9.75 1.05 -13.35
C ASN A 231 10.34 2.05 -14.32
N LEU A 232 11.49 2.62 -13.99
CA LEU A 232 12.10 3.58 -14.92
C LEU A 232 12.39 2.92 -16.27
N THR A 233 12.81 1.67 -16.27
CA THR A 233 13.07 0.98 -17.54
C THR A 233 11.78 0.79 -18.33
N LEU A 234 10.68 0.49 -17.66
CA LEU A 234 9.42 0.31 -18.37
C LEU A 234 8.87 1.66 -18.87
N TRP A 235 9.16 2.76 -18.17
CA TRP A 235 8.55 4.05 -18.46
C TRP A 235 9.38 4.91 -19.43
N THR A 236 10.63 4.52 -19.70
CA THR A 236 11.51 5.31 -20.56
C THR A 236 12.15 4.44 -21.62
N ALA B 5 3.40 0.95 -13.16
CA ALA B 5 4.05 -0.36 -13.28
C ALA B 5 3.96 -1.17 -11.98
N GLY B 6 5.08 -1.39 -11.32
CA GLY B 6 5.09 -2.15 -10.08
C GLY B 6 5.20 -1.35 -8.79
N ILE B 8 5.27 -1.65 -4.38
CA ILE B 8 5.86 -2.60 -3.42
C ILE B 8 5.03 -3.89 -3.42
N PRO B 9 5.64 -5.05 -3.69
CA PRO B 9 4.84 -6.29 -3.65
C PRO B 9 4.19 -6.51 -2.29
N GLY B 10 4.97 -6.44 -1.22
CA GLY B 10 4.43 -6.34 0.12
C GLY B 10 3.50 -7.45 0.53
N ARG B 11 3.64 -8.63 -0.06
CA ARG B 11 2.74 -9.73 0.28
C ARG B 11 3.40 -10.79 1.16
N ARG B 12 4.62 -10.54 1.64
CA ARG B 12 5.33 -11.47 2.51
C ARG B 12 6.01 -10.69 3.63
N SER B 13 5.75 -11.07 4.88
CA SER B 13 6.28 -10.37 6.05
C SER B 13 7.80 -10.35 6.02
#